data_5F2F
#
_entry.id   5F2F
#
_cell.length_a   49.030
_cell.length_b   55.630
_cell.length_c   60.880
_cell.angle_alpha   90.00
_cell.angle_beta   90.00
_cell.angle_gamma   90.00
#
_symmetry.space_group_name_H-M   'P 21 21 21'
#
loop_
_entity.id
_entity.type
_entity.pdbx_description
1 polymer 'Protein FimH'
2 non-polymer 5-[4-[(2~{R},3~{S},4~{S},5~{S},6~{R})-6-(hydroxymethyl)-3,4,5-tris(oxidanyl)oxan-2-yl]oxy-3-methyl-phenyl]-~{N}1,~{N}3-dimethyl-benzene-1,3-dicarboxamide
3 non-polymer GLYCEROL
4 water water
#
_entity_poly.entity_id   1
_entity_poly.type   'polypeptide(L)'
_entity_poly.pdbx_seq_one_letter_code
;FACKTANGTAIPIGGGSANVYVNLAPVVNVGQNLVVDLSTQIFCHNDYPETITDYVTLQRGSAYGGVLSNFSGTVKYSGS
SYPFPTTSETPRVVYNSRTDKPWPVALYLTPVSSAGGVAIKAGSLIAVLILRQTNNYNSDDFQFVWNIYANNDVVVPT
;
_entity_poly.pdbx_strand_id   A
#
# COMPACT_ATOMS: atom_id res chain seq x y z
N PHE A 1 17.57 5.75 -4.63
CA PHE A 1 16.31 4.99 -4.39
C PHE A 1 15.13 5.73 -5.02
N ALA A 2 14.38 5.00 -5.85
CA ALA A 2 13.21 5.54 -6.52
C ALA A 2 12.21 4.42 -6.81
N CYS A 3 10.99 4.79 -7.16
CA CYS A 3 9.91 3.83 -7.33
C CYS A 3 9.09 4.13 -8.59
N LYS A 4 8.37 3.10 -9.01
CA LYS A 4 7.48 3.20 -10.17
C LYS A 4 6.22 2.38 -9.92
N THR A 5 5.21 2.63 -10.74
CA THR A 5 3.92 1.94 -10.57
C THR A 5 3.48 1.18 -11.81
N ALA A 6 2.46 0.36 -11.59
CA ALA A 6 1.84 -0.41 -12.64
C ALA A 6 0.97 0.45 -13.57
N ASN A 7 0.81 1.73 -13.26
CA ASN A 7 0.15 2.63 -14.24
C ASN A 7 1.07 3.61 -14.93
N GLY A 8 2.37 3.33 -14.86
CA GLY A 8 3.33 4.05 -15.65
C GLY A 8 3.75 5.37 -15.04
N THR A 9 3.39 5.59 -13.78
CA THR A 9 3.89 6.77 -13.07
C THR A 9 5.04 6.40 -12.16
N ALA A 10 5.71 7.40 -11.61
CA ALA A 10 6.92 7.19 -10.86
C ALA A 10 7.04 8.21 -9.74
N ILE A 11 7.95 7.94 -8.81
CA ILE A 11 8.33 8.91 -7.78
C ILE A 11 9.87 8.85 -7.74
N PRO A 12 10.54 9.99 -7.95
CA PRO A 12 12.00 10.00 -8.04
C PRO A 12 12.70 9.98 -6.68
N ILE A 13 14.03 9.93 -6.71
CA ILE A 13 14.85 10.26 -5.56
C ILE A 13 14.26 11.40 -4.78
N GLY A 14 14.19 11.23 -3.47
CA GLY A 14 13.69 12.23 -2.57
C GLY A 14 12.22 12.12 -2.20
N GLY A 15 11.50 11.21 -2.85
CA GLY A 15 10.12 10.98 -2.51
C GLY A 15 9.16 11.93 -3.23
N GLY A 16 7.91 11.89 -2.79
CA GLY A 16 6.83 12.57 -3.47
C GLY A 16 5.58 11.69 -3.43
N SER A 17 4.65 11.92 -4.37
N SER A 17 4.64 11.91 -4.36
CA SER A 17 3.37 11.20 -4.35
CA SER A 17 3.36 11.21 -4.32
C SER A 17 3.07 10.57 -5.69
C SER A 17 3.03 10.60 -5.68
N ALA A 18 2.25 9.54 -5.65
CA ALA A 18 1.77 8.89 -6.87
C ALA A 18 0.40 8.30 -6.61
N ASN A 19 -0.38 8.18 -7.67
CA ASN A 19 -1.65 7.46 -7.65
C ASN A 19 -1.49 6.04 -8.16
N VAL A 20 -2.24 5.14 -7.54
CA VAL A 20 -2.23 3.73 -7.88
C VAL A 20 -3.66 3.30 -8.03
N TYR A 21 -3.95 2.51 -9.07
CA TYR A 21 -5.31 2.11 -9.39
C TYR A 21 -5.41 0.61 -9.37
N VAL A 22 -6.28 0.11 -8.53
CA VAL A 22 -6.33 -1.32 -8.29
C VAL A 22 -7.67 -1.94 -8.65
N ASN A 23 -7.57 -3.06 -9.37
CA ASN A 23 -8.70 -3.93 -9.59
C ASN A 23 -8.97 -4.72 -8.34
N LEU A 24 -10.24 -4.77 -7.95
CA LEU A 24 -10.66 -5.39 -6.70
C LEU A 24 -11.68 -6.50 -6.97
N ALA A 25 -11.63 -7.55 -6.16
CA ALA A 25 -12.69 -8.55 -6.19
C ALA A 25 -14.07 -7.89 -6.15
N PRO A 26 -14.98 -8.24 -7.07
CA PRO A 26 -16.25 -7.47 -7.08
C PRO A 26 -17.25 -7.87 -6.02
N VAL A 27 -17.07 -9.03 -5.41
CA VAL A 27 -17.95 -9.52 -4.37
C VAL A 27 -17.12 -10.00 -3.20
N VAL A 28 -17.40 -9.47 -2.01
CA VAL A 28 -16.72 -9.94 -0.80
CA VAL A 28 -16.72 -9.95 -0.81
C VAL A 28 -17.74 -10.13 0.29
N ASN A 29 -17.79 -11.34 0.87
CA ASN A 29 -18.75 -11.60 1.93
C ASN A 29 -18.29 -11.14 3.31
N VAL A 30 -19.25 -10.83 4.16
CA VAL A 30 -18.94 -10.60 5.57
C VAL A 30 -18.28 -11.90 6.03
N GLY A 31 -17.22 -11.76 6.82
CA GLY A 31 -16.46 -12.90 7.31
C GLY A 31 -15.37 -13.40 6.38
N GLN A 32 -15.19 -12.73 5.24
CA GLN A 32 -14.14 -13.05 4.29
C GLN A 32 -13.31 -11.78 4.01
N ASN A 33 -12.16 -11.98 3.37
CA ASN A 33 -11.23 -10.88 3.10
C ASN A 33 -11.23 -10.44 1.66
N LEU A 34 -11.21 -9.13 1.48
CA LEU A 34 -10.83 -8.49 0.24
C LEU A 34 -9.33 -8.27 0.30
N VAL A 35 -8.58 -8.85 -0.63
CA VAL A 35 -7.14 -8.72 -0.61
C VAL A 35 -6.71 -7.67 -1.64
N VAL A 36 -5.99 -6.66 -1.19
CA VAL A 36 -5.51 -5.58 -2.06
C VAL A 36 -3.99 -5.69 -2.07
N ASP A 37 -3.47 -6.34 -3.10
CA ASP A 37 -2.04 -6.64 -3.19
C ASP A 37 -1.30 -5.51 -3.91
N LEU A 38 -0.51 -4.72 -3.19
CA LEU A 38 0.22 -3.63 -3.81
C LEU A 38 1.59 -4.08 -4.36
N SER A 39 1.96 -5.33 -4.12
CA SER A 39 3.25 -5.84 -4.60
C SER A 39 3.22 -5.99 -6.12
N THR A 40 2.03 -5.93 -6.72
CA THR A 40 1.93 -5.96 -8.18
C THR A 40 1.70 -4.56 -8.71
N GLN A 41 1.76 -3.57 -7.82
CA GLN A 41 1.45 -2.18 -8.17
C GLN A 41 2.61 -1.24 -7.99
N ILE A 42 3.45 -1.51 -6.99
CA ILE A 42 4.48 -0.55 -6.56
C ILE A 42 5.82 -1.28 -6.52
N PHE A 43 6.81 -0.72 -7.21
CA PHE A 43 8.14 -1.32 -7.31
C PHE A 43 9.20 -0.27 -7.04
N CYS A 44 10.30 -0.67 -6.40
CA CYS A 44 11.37 0.28 -6.07
C CYS A 44 12.73 -0.37 -6.31
N HIS A 45 13.79 0.44 -6.31
CA HIS A 45 15.14 -0.07 -6.45
C HIS A 45 16.12 0.85 -5.75
N ASN A 46 17.32 0.32 -5.56
CA ASN A 46 18.45 1.01 -4.94
C ASN A 46 19.37 1.58 -6.02
N ASP A 47 19.75 2.84 -5.93
CA ASP A 47 20.54 3.48 -7.00
C ASP A 47 22.06 3.38 -6.80
N TYR A 48 22.50 2.78 -5.69
CA TYR A 48 23.94 2.62 -5.44
C TYR A 48 24.18 1.41 -4.57
N PRO A 49 23.76 0.24 -5.06
CA PRO A 49 23.71 -0.95 -4.19
C PRO A 49 25.10 -1.49 -3.81
N GLU A 50 26.12 -1.12 -4.58
CA GLU A 50 27.52 -1.43 -4.29
C GLU A 50 27.95 -0.95 -2.92
N THR A 51 27.37 0.17 -2.49
CA THR A 51 27.86 0.89 -1.33
C THR A 51 26.76 1.16 -0.30
N ILE A 52 25.54 1.35 -0.78
CA ILE A 52 24.48 1.81 0.10
C ILE A 52 23.44 0.72 0.28
N THR A 53 23.04 0.49 1.53
CA THR A 53 21.84 -0.31 1.82
C THR A 53 20.66 0.58 2.08
N ASP A 54 19.57 0.37 1.33
CA ASP A 54 18.35 1.14 1.52
C ASP A 54 17.41 0.40 2.47
N TYR A 55 16.78 1.14 3.35
CA TYR A 55 15.80 0.62 4.30
C TYR A 55 14.43 1.23 4.03
N VAL A 56 13.42 0.37 3.96
CA VAL A 56 12.07 0.79 3.56
C VAL A 56 11.05 0.22 4.53
N THR A 57 10.24 1.12 5.09
CA THR A 57 9.13 0.73 5.97
C THR A 57 7.77 1.17 5.40
N LEU A 58 6.70 0.52 5.87
CA LEU A 58 5.39 1.14 5.80
C LEU A 58 5.28 2.01 7.06
N GLN A 59 5.37 3.33 6.87
CA GLN A 59 5.31 4.28 7.98
C GLN A 59 3.90 4.48 8.49
N ARG A 60 2.94 4.55 7.56
CA ARG A 60 1.56 4.74 7.90
C ARG A 60 0.65 4.25 6.79
N GLY A 61 -0.46 3.66 7.20
CA GLY A 61 -1.50 3.23 6.29
C GLY A 61 -2.83 3.72 6.79
N SER A 62 -3.48 4.52 5.97
CA SER A 62 -4.74 5.14 6.29
C SER A 62 -5.84 4.65 5.36
N ALA A 63 -7.06 4.53 5.89
CA ALA A 63 -8.26 4.12 5.12
C ALA A 63 -9.12 5.31 4.76
N TYR A 64 -9.76 5.25 3.59
CA TYR A 64 -10.65 6.29 3.12
C TYR A 64 -11.92 5.71 2.52
N GLY A 65 -12.93 6.56 2.36
CA GLY A 65 -14.13 6.19 1.65
C GLY A 65 -14.82 4.97 2.20
N GLY A 66 -15.13 4.06 1.29
CA GLY A 66 -15.83 2.84 1.64
C GLY A 66 -15.00 1.89 2.49
N VAL A 67 -13.67 1.93 2.34
CA VAL A 67 -12.85 1.09 3.19
C VAL A 67 -12.91 1.60 4.62
N LEU A 68 -12.81 2.92 4.78
CA LEU A 68 -12.93 3.53 6.11
C LEU A 68 -14.29 3.22 6.75
N SER A 69 -15.36 3.32 5.96
N SER A 69 -15.37 3.29 5.98
CA SER A 69 -16.72 3.12 6.47
CA SER A 69 -16.70 3.14 6.56
C SER A 69 -17.08 1.67 6.69
C SER A 69 -17.18 1.69 6.63
N ASN A 70 -16.70 0.83 5.74
CA ASN A 70 -17.31 -0.49 5.62
C ASN A 70 -16.40 -1.70 5.89
N PHE A 71 -15.12 -1.46 6.19
CA PHE A 71 -14.18 -2.55 6.39
C PHE A 71 -13.30 -2.36 7.61
N SER A 72 -12.77 -3.48 8.09
CA SER A 72 -11.67 -3.44 9.04
C SER A 72 -10.65 -4.44 8.52
N GLY A 73 -9.52 -4.59 9.20
CA GLY A 73 -8.61 -5.65 8.83
C GLY A 73 -7.16 -5.40 9.21
N THR A 74 -6.29 -5.91 8.34
CA THR A 74 -4.87 -5.90 8.57
C THR A 74 -4.09 -5.54 7.31
N VAL A 75 -2.82 -5.27 7.51
CA VAL A 75 -1.88 -5.07 6.42
C VAL A 75 -0.72 -6.03 6.63
N LYS A 76 -0.43 -6.79 5.58
CA LYS A 76 0.71 -7.67 5.56
C LYS A 76 1.90 -6.96 4.90
N TYR A 77 3.00 -6.86 5.64
CA TYR A 77 4.23 -6.26 5.12
C TYR A 77 5.39 -7.22 5.27
N SER A 78 5.92 -7.66 4.13
CA SER A 78 7.06 -8.57 4.10
C SER A 78 6.82 -9.77 5.04
N GLY A 79 5.65 -10.37 4.95
CA GLY A 79 5.43 -11.63 5.66
C GLY A 79 4.80 -11.57 7.04
N SER A 80 4.75 -10.39 7.64
CA SER A 80 4.06 -10.20 8.93
C SER A 80 2.91 -9.24 8.77
N SER A 81 1.85 -9.47 9.55
CA SER A 81 0.68 -8.64 9.50
C SER A 81 0.51 -7.76 10.72
N TYR A 82 -0.15 -6.63 10.50
CA TYR A 82 -0.35 -5.59 11.47
C TYR A 82 -1.76 -5.04 11.29
N PRO A 83 -2.30 -4.39 12.32
CA PRO A 83 -3.61 -3.75 12.16
C PRO A 83 -3.61 -2.72 11.03
N PHE A 84 -4.73 -2.63 10.34
CA PHE A 84 -4.96 -1.59 9.33
C PHE A 84 -6.34 -0.99 9.55
N PRO A 85 -6.44 0.34 9.65
CA PRO A 85 -5.41 1.38 9.61
C PRO A 85 -4.32 1.15 10.65
N THR A 86 -3.13 1.60 10.31
CA THR A 86 -1.95 1.22 11.06
C THR A 86 -1.87 1.99 12.37
N THR A 87 -1.14 1.39 13.32
CA THR A 87 -0.98 1.98 14.64
C THR A 87 0.48 2.15 15.02
N SER A 88 1.39 1.75 14.14
CA SER A 88 2.81 2.00 14.33
C SER A 88 3.49 1.94 12.98
N GLU A 89 4.80 2.08 12.97
CA GLU A 89 5.60 1.91 11.75
C GLU A 89 6.17 0.50 11.74
N THR A 90 6.20 -0.13 10.57
CA THR A 90 6.72 -1.48 10.48
C THR A 90 8.24 -1.53 10.59
N PRO A 91 8.77 -2.74 10.77
CA PRO A 91 10.20 -2.98 10.55
C PRO A 91 10.62 -2.64 9.13
N ARG A 92 11.93 -2.52 8.95
CA ARG A 92 12.52 -2.16 7.67
C ARG A 92 12.72 -3.37 6.79
N VAL A 93 12.48 -3.19 5.50
CA VAL A 93 12.85 -4.13 4.46
C VAL A 93 14.06 -3.55 3.74
N VAL A 94 15.03 -4.40 3.43
CA VAL A 94 16.24 -3.97 2.71
C VAL A 94 16.02 -3.96 1.22
N TYR A 95 16.46 -2.89 0.58
CA TYR A 95 16.58 -2.84 -0.89
C TYR A 95 18.05 -2.75 -1.21
N ASN A 96 18.55 -3.71 -1.98
CA ASN A 96 19.98 -3.84 -2.24
C ASN A 96 20.34 -4.18 -3.67
N SER A 97 19.47 -3.80 -4.61
CA SER A 97 19.70 -4.06 -6.02
C SER A 97 19.17 -2.93 -6.87
N ARG A 98 19.76 -2.73 -8.05
CA ARG A 98 19.27 -1.75 -9.01
C ARG A 98 18.02 -2.25 -9.74
N THR A 99 17.79 -3.55 -9.65
CA THR A 99 16.65 -4.19 -10.30
C THR A 99 15.37 -3.84 -9.55
N ASP A 100 14.31 -3.54 -10.28
CA ASP A 100 12.99 -3.33 -9.66
C ASP A 100 12.65 -4.46 -8.72
N LYS A 101 12.15 -4.12 -7.53
CA LYS A 101 11.67 -5.11 -6.59
C LYS A 101 10.33 -4.67 -6.02
N PRO A 102 9.37 -5.60 -5.94
CA PRO A 102 8.07 -5.15 -5.42
C PRO A 102 8.14 -4.61 -4.00
N TRP A 103 7.22 -3.71 -3.68
CA TRP A 103 7.00 -3.27 -2.30
C TRP A 103 6.01 -4.26 -1.70
N PRO A 104 6.43 -5.09 -0.71
CA PRO A 104 5.64 -6.26 -0.31
C PRO A 104 4.53 -5.92 0.67
N VAL A 105 3.54 -5.16 0.19
CA VAL A 105 2.42 -4.69 1.00
C VAL A 105 1.11 -5.23 0.44
N ALA A 106 0.27 -5.79 1.31
CA ALA A 106 -1.08 -6.17 0.90
C ALA A 106 -2.08 -5.94 2.00
N LEU A 107 -3.24 -5.41 1.63
CA LEU A 107 -4.30 -5.17 2.61
C LEU A 107 -5.24 -6.38 2.63
N TYR A 108 -5.64 -6.76 3.84
CA TYR A 108 -6.63 -7.82 4.05
C TYR A 108 -7.81 -7.18 4.76
N LEU A 109 -8.86 -6.88 4.00
CA LEU A 109 -9.95 -6.05 4.48
C LEU A 109 -11.21 -6.88 4.56
N THR A 110 -11.85 -6.89 5.72
CA THR A 110 -13.04 -7.70 5.89
C THR A 110 -14.25 -6.79 6.20
N PRO A 111 -15.41 -7.09 5.61
CA PRO A 111 -16.55 -6.17 5.81
C PRO A 111 -17.05 -6.09 7.26
N VAL A 112 -17.45 -4.91 7.69
CA VAL A 112 -18.12 -4.77 8.97
C VAL A 112 -19.56 -5.24 8.85
N SER A 113 -20.19 -5.55 9.99
CA SER A 113 -21.51 -6.17 9.98
C SER A 113 -22.58 -5.36 9.28
N SER A 114 -22.47 -4.04 9.30
CA SER A 114 -23.48 -3.18 8.70
C SER A 114 -23.28 -2.97 7.21
N ALA A 115 -22.17 -3.43 6.65
CA ALA A 115 -21.92 -3.27 5.21
C ALA A 115 -22.91 -4.11 4.40
N GLY A 116 -23.30 -3.61 3.24
CA GLY A 116 -24.25 -4.32 2.39
C GLY A 116 -24.41 -3.49 1.13
N GLY A 117 -24.61 -4.14 -0.01
CA GLY A 117 -24.65 -3.42 -1.27
C GLY A 117 -23.28 -2.93 -1.70
N VAL A 118 -23.23 -1.82 -2.43
CA VAL A 118 -21.96 -1.32 -2.91
C VAL A 118 -21.21 -0.72 -1.72
N ALA A 119 -20.09 -1.35 -1.36
CA ALA A 119 -19.36 -0.96 -0.15
C ALA A 119 -18.10 -0.16 -0.49
N ILE A 120 -17.64 -0.28 -1.74
CA ILE A 120 -16.55 0.53 -2.26
C ILE A 120 -16.96 0.96 -3.65
N LYS A 121 -16.88 2.26 -3.93
CA LYS A 121 -17.30 2.81 -5.23
C LYS A 121 -16.13 2.90 -6.20
N ALA A 122 -16.39 2.51 -7.44
CA ALA A 122 -15.42 2.67 -8.50
C ALA A 122 -14.88 4.09 -8.53
N GLY A 123 -13.57 4.19 -8.68
CA GLY A 123 -12.91 5.47 -8.80
C GLY A 123 -12.57 6.14 -7.48
N SER A 124 -13.06 5.62 -6.37
CA SER A 124 -12.87 6.28 -5.08
C SER A 124 -11.51 5.99 -4.45
N LEU A 125 -11.00 6.95 -3.69
CA LEU A 125 -9.83 6.73 -2.84
C LEU A 125 -10.16 5.72 -1.75
N ILE A 126 -9.34 4.67 -1.62
CA ILE A 126 -9.57 3.69 -0.56
C ILE A 126 -8.49 3.70 0.51
N ALA A 127 -7.30 4.18 0.18
CA ALA A 127 -6.22 4.15 1.15
C ALA A 127 -5.12 5.11 0.74
N VAL A 128 -4.34 5.51 1.74
CA VAL A 128 -3.07 6.20 1.49
C VAL A 128 -2.02 5.46 2.30
N LEU A 129 -0.96 5.04 1.61
CA LEU A 129 0.13 4.29 2.20
C LEU A 129 1.42 5.08 2.10
N ILE A 130 2.09 5.29 3.24
CA ILE A 130 3.34 6.02 3.24
C ILE A 130 4.52 5.07 3.41
N LEU A 131 5.38 5.07 2.40
CA LEU A 131 6.63 4.34 2.37
C LEU A 131 7.71 5.29 2.86
N ARG A 132 8.44 4.89 3.90
CA ARG A 132 9.55 5.70 4.40
C ARG A 132 10.86 5.02 4.04
N GLN A 133 11.70 5.75 3.31
CA GLN A 133 12.99 5.27 2.89
C GLN A 133 14.14 6.01 3.60
N THR A 134 15.04 5.21 4.17
CA THR A 134 16.28 5.69 4.77
C THR A 134 17.40 4.79 4.23
N ASN A 135 18.60 4.94 4.79
CA ASN A 135 19.72 4.15 4.31
C ASN A 135 20.82 4.07 5.38
N ASN A 136 21.91 3.38 5.07
CA ASN A 136 23.02 3.24 6.01
C ASN A 136 24.19 4.12 5.62
N TYR A 137 23.92 5.21 4.89
CA TYR A 137 24.96 5.99 4.23
C TYR A 137 24.95 7.46 4.60
N ASN A 138 23.77 8.06 4.63
CA ASN A 138 23.63 9.46 4.97
C ASN A 138 22.36 9.66 5.78
N SER A 139 21.85 10.88 5.88
CA SER A 139 20.68 11.12 6.72
CA SER A 139 20.69 11.14 6.72
C SER A 139 19.37 11.24 5.93
N ASP A 140 19.38 10.81 4.67
CA ASP A 140 18.15 10.85 3.88
C ASP A 140 17.00 10.14 4.59
N ASP A 141 15.84 10.79 4.59
CA ASP A 141 14.63 10.24 5.21
C ASP A 141 13.45 10.72 4.40
N PHE A 142 13.00 9.91 3.43
CA PHE A 142 12.10 10.39 2.40
C PHE A 142 10.77 9.66 2.47
N GLN A 143 9.68 10.37 2.16
CA GLN A 143 8.35 9.74 2.09
C GLN A 143 7.88 9.60 0.66
N PHE A 144 7.51 8.38 0.32
CA PHE A 144 6.90 8.03 -0.95
C PHE A 144 5.44 7.75 -0.61
N VAL A 145 4.56 8.65 -1.06
CA VAL A 145 3.17 8.63 -0.68
C VAL A 145 2.32 8.04 -1.78
N TRP A 146 1.65 6.94 -1.46
CA TRP A 146 0.87 6.18 -2.44
C TRP A 146 -0.63 6.29 -2.17
N ASN A 147 -1.32 6.98 -3.08
CA ASN A 147 -2.76 7.19 -3.02
C ASN A 147 -3.46 6.09 -3.80
N ILE A 148 -4.22 5.25 -3.11
CA ILE A 148 -4.76 4.02 -3.69
C ILE A 148 -6.23 4.19 -4.03
N TYR A 149 -6.56 4.00 -5.31
CA TYR A 149 -7.90 4.19 -5.84
C TYR A 149 -8.48 2.88 -6.35
N ALA A 150 -9.76 2.66 -6.08
CA ALA A 150 -10.51 1.51 -6.63
C ALA A 150 -10.82 1.68 -8.11
N ASN A 151 -10.52 0.66 -8.92
CA ASN A 151 -10.91 0.67 -10.34
C ASN A 151 -12.36 0.29 -10.56
N ASN A 152 -12.95 -0.36 -9.57
CA ASN A 152 -14.29 -0.91 -9.73
C ASN A 152 -15.05 -0.95 -8.41
N ASP A 153 -16.37 -1.07 -8.49
CA ASP A 153 -17.21 -1.31 -7.31
C ASP A 153 -16.88 -2.63 -6.61
N VAL A 154 -17.02 -2.63 -5.29
CA VAL A 154 -16.99 -3.87 -4.52
C VAL A 154 -18.33 -3.97 -3.78
N VAL A 155 -18.98 -5.14 -3.89
CA VAL A 155 -20.29 -5.39 -3.28
C VAL A 155 -20.13 -6.40 -2.15
N VAL A 156 -20.81 -6.11 -1.04
CA VAL A 156 -20.94 -7.05 0.08
C VAL A 156 -22.36 -7.61 0.06
N PRO A 157 -22.50 -8.89 -0.21
CA PRO A 157 -23.86 -9.44 -0.29
C PRO A 157 -24.64 -9.32 1.01
N THR A 158 -25.95 -9.16 0.87
CA THR A 158 -26.82 -9.11 2.04
C THR A 158 -27.08 -10.54 2.47
#